data_4RMZ
#
_entry.id   4RMZ
#
_cell.length_a   87.730
_cell.length_b   116.810
_cell.length_c   140.920
_cell.angle_alpha   90.00
_cell.angle_beta   90.00
_cell.angle_gamma   90.00
#
_symmetry.space_group_name_H-M   'I 2 2 2'
#
loop_
_entity.id
_entity.type
_entity.pdbx_description
1 polymer 'Interleukin-1 receptor-associated kinase 4'
2 non-polymer 3-nitro-N-[1-phenyl-5-(piperidin-1-ylmethyl)-1H-benzimidazol-2-yl]benzamide
3 water water
#
_entity_poly.entity_id   1
_entity_poly.type   'polypeptide(L)'
_entity_poly.pdbx_seq_one_letter_code
;ENKSLEVSDTRFHSFSFYELKNVTNNFDERPISVGGNKMGEGGFGVVYKGYVNNTTVAVKKLAAMVDITTEELKQQFDQE
IKVMAKCQHENLVELLGFSSDGDDLCLVYVYMPNGSLLDRLSCLDGTPPLSWHMRCKIAQGAANGINFLHENHHIHRDIK
SANILLDEAFTAKISDFGLARASEKFAQ(TPO)VM(TPO)(SEP)RIVGTTAYMAPEALRGEITPKSDIYSFGVVLLEII
TGLPAVDEHREPQLLLDIKEEIEDEEKTIEDYIDKKMNDADSTSVEAMYSVASQCLHEKKNKRPDIKKVQQLLQEMTAS
;
_entity_poly.pdbx_strand_id   A,B
#
loop_
_chem_comp.id
_chem_comp.type
_chem_comp.name
_chem_comp.formula
T20 non-polymer 3-nitro-N-[1-phenyl-5-(piperidin-1-ylmethyl)-1H-benzimidazol-2-yl]benzamide 'C26 H25 N5 O3'
#
# COMPACT_ATOMS: atom_id res chain seq x y z
N PHE A 12 -4.94 14.44 -8.62
CA PHE A 12 -6.31 13.97 -9.06
C PHE A 12 -6.73 14.46 -10.45
N HIS A 13 -7.53 13.66 -11.14
CA HIS A 13 -7.94 13.96 -12.51
C HIS A 13 -9.44 14.32 -12.65
N SER A 14 -9.71 15.50 -13.18
CA SER A 14 -11.07 15.87 -13.57
C SER A 14 -11.51 15.19 -14.87
N PHE A 15 -12.67 14.55 -14.83
CA PHE A 15 -13.30 14.07 -16.02
C PHE A 15 -14.57 14.84 -16.38
N SER A 16 -15.02 14.60 -17.60
CA SER A 16 -16.30 15.04 -18.06
CA SER A 16 -16.31 15.04 -18.07
C SER A 16 -17.24 13.84 -18.00
N PHE A 17 -18.52 14.14 -17.80
CA PHE A 17 -19.51 13.12 -17.56
C PHE A 17 -19.51 12.02 -18.62
N TYR A 18 -19.83 12.42 -19.85
CA TYR A 18 -20.03 11.54 -20.98
C TYR A 18 -18.93 10.45 -21.04
N GLU A 19 -17.68 10.87 -20.81
CA GLU A 19 -16.58 9.91 -20.77
C GLU A 19 -16.87 8.75 -19.82
N LEU A 20 -17.52 9.05 -18.67
CA LEU A 20 -17.87 8.00 -17.71
C LEU A 20 -19.14 7.17 -18.13
N LYS A 21 -20.22 7.84 -18.51
CA LYS A 21 -21.36 7.18 -19.16
C LYS A 21 -20.86 6.18 -20.23
N ASN A 22 -20.33 6.72 -21.33
CA ASN A 22 -19.77 5.92 -22.44
C ASN A 22 -19.07 4.63 -21.96
N VAL A 23 -17.91 4.80 -21.33
CA VAL A 23 -17.07 3.69 -20.82
C VAL A 23 -17.75 2.66 -19.91
N THR A 24 -18.91 3.01 -19.36
CA THR A 24 -19.61 2.17 -18.41
C THR A 24 -20.94 1.66 -18.99
N ASN A 25 -21.09 1.86 -20.31
CA ASN A 25 -22.26 1.54 -21.16
C ASN A 25 -23.60 2.30 -20.87
N ASN A 26 -23.45 3.61 -20.85
CA ASN A 26 -24.44 4.55 -20.38
C ASN A 26 -25.01 4.07 -19.08
N PHE A 27 -24.12 4.02 -18.11
CA PHE A 27 -24.45 3.53 -16.78
C PHE A 27 -25.47 2.42 -16.89
N ASP A 28 -24.98 1.33 -17.48
CA ASP A 28 -25.76 0.15 -17.85
C ASP A 28 -26.21 -0.58 -16.61
N GLU A 29 -27.47 -0.47 -16.24
CA GLU A 29 -27.96 -1.04 -14.97
C GLU A 29 -27.95 -2.59 -14.88
N ARG A 30 -27.79 -3.26 -16.00
CA ARG A 30 -27.70 -4.71 -15.98
C ARG A 30 -26.49 -5.10 -15.11
N PRO A 31 -26.67 -6.08 -14.19
CA PRO A 31 -25.56 -6.58 -13.32
C PRO A 31 -24.38 -7.18 -14.11
N ILE A 32 -23.18 -7.03 -13.54
CA ILE A 32 -21.94 -7.46 -14.21
C ILE A 32 -21.77 -8.98 -14.31
N SER A 33 -22.40 -9.69 -13.38
CA SER A 33 -22.47 -11.16 -13.42
C SER A 33 -23.19 -11.69 -14.68
N VAL A 34 -23.98 -10.83 -15.33
CA VAL A 34 -24.65 -11.19 -16.58
C VAL A 34 -24.26 -10.19 -17.70
N GLY A 35 -22.97 -9.86 -17.75
CA GLY A 35 -22.41 -9.00 -18.79
C GLY A 35 -22.80 -7.52 -18.75
N GLY A 36 -23.46 -7.09 -17.68
CA GLY A 36 -23.90 -5.71 -17.58
C GLY A 36 -22.75 -4.93 -16.98
N ASN A 37 -23.05 -3.76 -16.39
CA ASN A 37 -22.02 -2.93 -15.73
C ASN A 37 -22.32 -2.53 -14.30
N LYS A 38 -23.57 -2.67 -13.85
CA LYS A 38 -23.92 -2.30 -12.49
C LYS A 38 -23.25 -3.27 -11.54
N MET A 39 -22.37 -2.72 -10.71
CA MET A 39 -21.72 -3.54 -9.72
C MET A 39 -22.45 -3.48 -8.41
N GLY A 40 -23.19 -2.39 -8.16
CA GLY A 40 -23.90 -2.30 -6.88
C GLY A 40 -24.45 -0.96 -6.43
N GLU A 41 -25.10 -1.02 -5.27
CA GLU A 41 -25.76 0.11 -4.64
C GLU A 41 -24.98 0.53 -3.38
N GLY A 42 -24.61 1.80 -3.31
CA GLY A 42 -24.14 2.38 -2.06
C GLY A 42 -25.30 3.00 -1.32
N GLY A 43 -25.03 3.53 -0.12
CA GLY A 43 -25.96 4.42 0.55
C GLY A 43 -26.15 5.74 -0.19
N PHE A 44 -25.07 6.26 -0.80
CA PHE A 44 -25.04 7.60 -1.43
C PHE A 44 -24.95 7.63 -2.97
N GLY A 45 -24.83 6.47 -3.61
CA GLY A 45 -25.00 6.38 -5.07
C GLY A 45 -24.91 4.96 -5.62
N VAL A 46 -24.71 4.86 -6.93
CA VAL A 46 -24.54 3.55 -7.59
C VAL A 46 -23.17 3.47 -8.30
N VAL A 47 -22.63 2.25 -8.32
CA VAL A 47 -21.26 1.99 -8.81
C VAL A 47 -21.19 1.07 -10.06
N TYR A 48 -20.65 1.61 -11.16
CA TYR A 48 -20.50 0.82 -12.41
C TYR A 48 -19.06 0.55 -12.85
N LYS A 49 -18.80 -0.70 -13.24
CA LYS A 49 -17.53 -1.12 -13.81
C LYS A 49 -17.35 -0.45 -15.14
N GLY A 50 -16.10 -0.30 -15.53
CA GLY A 50 -15.74 0.07 -16.89
C GLY A 50 -14.23 0.08 -17.00
N TYR A 51 -13.74 0.41 -18.20
CA TYR A 51 -12.34 0.38 -18.51
C TYR A 51 -12.02 1.73 -19.11
N VAL A 52 -11.00 2.41 -18.58
CA VAL A 52 -10.53 3.70 -19.08
C VAL A 52 -9.02 3.70 -19.38
N ASN A 53 -8.70 3.49 -20.66
CA ASN A 53 -7.31 3.54 -21.10
C ASN A 53 -6.67 2.28 -20.57
N ASN A 54 -7.38 1.19 -20.79
CA ASN A 54 -7.02 -0.10 -20.24
C ASN A 54 -7.09 -0.27 -18.71
N THR A 55 -7.26 0.80 -17.94
CA THR A 55 -7.49 0.65 -16.49
C THR A 55 -8.96 0.33 -16.13
N THR A 56 -9.23 -0.90 -15.68
CA THR A 56 -10.57 -1.29 -15.16
C THR A 56 -10.86 -0.35 -13.97
N VAL A 57 -12.04 0.24 -13.92
CA VAL A 57 -12.32 1.28 -12.89
C VAL A 57 -13.70 1.16 -12.25
N ALA A 58 -13.86 1.82 -11.11
CA ALA A 58 -15.15 1.95 -10.43
C ALA A 58 -15.49 3.40 -10.49
N VAL A 59 -16.74 3.68 -10.84
CA VAL A 59 -17.18 5.05 -10.91
C VAL A 59 -18.53 5.08 -10.23
N LYS A 60 -18.67 6.09 -9.38
CA LYS A 60 -19.76 6.18 -8.43
C LYS A 60 -20.58 7.35 -8.85
N LYS A 61 -21.81 7.06 -9.27
CA LYS A 61 -22.77 8.10 -9.63
C LYS A 61 -23.53 8.47 -8.35
N LEU A 62 -23.34 9.71 -7.91
CA LEU A 62 -23.95 10.19 -6.67
C LEU A 62 -25.43 10.41 -6.91
N ALA A 63 -26.22 10.10 -5.90
CA ALA A 63 -27.68 10.09 -6.01
C ALA A 63 -28.32 10.74 -4.79
N ILE A 68 -29.71 14.18 1.98
CA ILE A 68 -30.79 15.15 1.94
C ILE A 68 -30.37 16.41 1.16
N THR A 69 -29.76 17.39 1.83
CA THR A 69 -29.64 18.74 1.25
C THR A 69 -28.82 18.78 -0.05
N THR A 70 -29.01 19.85 -0.82
CA THR A 70 -28.17 20.10 -2.02
C THR A 70 -26.76 20.57 -1.64
N GLU A 71 -26.66 21.43 -0.62
CA GLU A 71 -25.37 21.87 -0.08
C GLU A 71 -24.67 20.77 0.74
N GLU A 72 -25.45 19.76 1.14
CA GLU A 72 -24.96 18.66 1.97
C GLU A 72 -24.32 17.60 1.10
N LEU A 73 -25.03 17.10 0.10
CA LEU A 73 -24.48 16.07 -0.78
C LEU A 73 -23.18 16.55 -1.43
N LYS A 74 -23.18 17.81 -1.82
CA LYS A 74 -21.97 18.46 -2.31
C LYS A 74 -20.89 18.38 -1.26
N GLN A 75 -21.21 18.77 -0.03
CA GLN A 75 -20.23 18.82 1.07
C GLN A 75 -19.53 17.48 1.33
N GLN A 76 -20.29 16.40 1.15
CA GLN A 76 -19.81 15.02 1.30
C GLN A 76 -18.81 14.60 0.19
N PHE A 77 -19.15 14.96 -1.04
CA PHE A 77 -18.27 14.85 -2.20
C PHE A 77 -16.96 15.58 -1.90
N ASP A 78 -17.07 16.80 -1.40
CA ASP A 78 -15.89 17.58 -1.11
C ASP A 78 -15.07 16.86 -0.05
N GLN A 79 -15.73 16.40 1.02
CA GLN A 79 -15.05 15.79 2.16
C GLN A 79 -14.32 14.55 1.66
N GLU A 80 -14.98 13.73 0.84
CA GLU A 80 -14.35 12.55 0.28
C GLU A 80 -13.02 12.87 -0.43
N ILE A 81 -13.05 13.87 -1.30
CA ILE A 81 -11.88 14.25 -2.08
C ILE A 81 -10.81 14.83 -1.16
N LYS A 82 -11.24 15.56 -0.14
CA LYS A 82 -10.31 16.09 0.86
C LYS A 82 -9.59 15.01 1.65
N VAL A 83 -10.30 13.96 2.03
CA VAL A 83 -9.72 12.88 2.81
C VAL A 83 -8.76 12.08 1.93
N MET A 84 -9.15 11.87 0.68
CA MET A 84 -8.37 11.05 -0.23
C MET A 84 -7.12 11.75 -0.69
N ALA A 85 -7.17 13.08 -0.73
CA ALA A 85 -6.00 13.86 -1.05
C ALA A 85 -4.94 13.72 0.05
N LYS A 86 -5.38 13.60 1.29
CA LYS A 86 -4.46 13.52 2.42
C LYS A 86 -4.06 12.08 2.71
N CYS A 87 -4.97 11.13 2.52
CA CYS A 87 -4.70 9.77 2.96
C CYS A 87 -4.55 8.80 1.83
N GLN A 88 -3.34 8.26 1.69
CA GLN A 88 -3.04 7.19 0.76
C GLN A 88 -2.41 6.06 1.55
N HIS A 89 -2.94 4.88 1.33
CA HIS A 89 -2.62 3.72 2.10
C HIS A 89 -3.23 2.55 1.35
N GLU A 90 -2.56 1.40 1.41
CA GLU A 90 -3.01 0.21 0.72
C GLU A 90 -4.29 -0.43 1.29
N ASN A 91 -4.71 -0.01 2.49
CA ASN A 91 -5.96 -0.49 3.09
C ASN A 91 -7.04 0.57 3.04
N LEU A 92 -6.88 1.55 2.17
CA LEU A 92 -7.94 2.49 1.74
C LEU A 92 -8.13 2.42 0.22
N VAL A 93 -9.35 2.72 -0.26
CA VAL A 93 -9.58 2.84 -1.70
C VAL A 93 -8.76 4.00 -2.23
N GLU A 94 -8.54 4.00 -3.55
CA GLU A 94 -7.74 5.03 -4.19
C GLU A 94 -8.58 5.79 -5.20
N LEU A 95 -8.69 7.10 -5.00
CA LEU A 95 -9.38 7.98 -5.92
C LEU A 95 -8.46 8.39 -7.09
N LEU A 96 -8.81 7.97 -8.30
CA LEU A 96 -8.07 8.36 -9.52
C LEU A 96 -8.49 9.72 -9.94
N GLY A 97 -9.78 10.00 -9.76
CA GLY A 97 -10.28 11.35 -9.88
C GLY A 97 -11.79 11.39 -9.78
N PHE A 98 -12.34 12.54 -10.15
CA PHE A 98 -13.77 12.77 -10.11
C PHE A 98 -14.36 13.23 -11.44
N SER A 99 -15.67 13.45 -11.44
CA SER A 99 -16.38 14.20 -12.47
C SER A 99 -17.48 14.99 -11.77
N SER A 100 -17.51 16.29 -11.98
CA SER A 100 -18.43 17.13 -11.23
C SER A 100 -19.23 18.13 -12.08
N ASP A 101 -19.13 18.07 -13.40
CA ASP A 101 -19.67 19.11 -14.27
C ASP A 101 -21.12 18.80 -14.71
N GLY A 102 -21.53 17.53 -14.60
CA GLY A 102 -22.88 17.10 -14.96
C GLY A 102 -23.93 17.21 -13.85
N ASP A 103 -23.49 17.32 -12.60
CA ASP A 103 -24.38 17.35 -11.41
C ASP A 103 -25.04 15.99 -11.04
N ASP A 104 -24.78 14.95 -11.82
CA ASP A 104 -24.82 13.56 -11.30
C ASP A 104 -23.43 13.27 -10.71
N LEU A 105 -23.06 13.91 -9.59
CA LEU A 105 -21.64 13.95 -9.11
C LEU A 105 -20.97 12.60 -9.14
N CYS A 106 -19.69 12.63 -9.49
CA CYS A 106 -18.98 11.40 -9.79
C CYS A 106 -17.61 11.35 -9.10
N LEU A 107 -17.20 10.15 -8.72
CA LEU A 107 -15.90 9.97 -8.12
C LEU A 107 -15.42 8.74 -8.77
N VAL A 108 -14.16 8.75 -9.20
CA VAL A 108 -13.59 7.62 -9.95
C VAL A 108 -12.43 7.01 -9.17
N TYR A 109 -12.41 5.70 -9.05
CA TYR A 109 -11.50 5.00 -8.18
C TYR A 109 -10.85 3.91 -8.98
N VAL A 110 -9.77 3.36 -8.44
CA VAL A 110 -9.23 2.13 -8.97
C VAL A 110 -10.23 1.06 -8.64
N TYR A 111 -10.33 0.04 -9.49
CA TYR A 111 -11.41 -0.95 -9.46
C TYR A 111 -11.06 -2.05 -8.55
N MET A 112 -12.01 -2.48 -7.73
CA MET A 112 -11.77 -3.60 -6.85
C MET A 112 -12.54 -4.81 -7.44
N PRO A 113 -11.82 -5.89 -7.83
CA PRO A 113 -12.46 -7.04 -8.48
C PRO A 113 -13.45 -7.77 -7.60
N ASN A 114 -13.01 -8.11 -6.38
CA ASN A 114 -13.77 -8.93 -5.45
C ASN A 114 -14.88 -8.18 -4.68
N GLY A 115 -15.32 -7.03 -5.18
CA GLY A 115 -16.40 -6.25 -4.56
C GLY A 115 -16.29 -5.97 -3.05
N SER A 116 -17.43 -6.00 -2.37
CA SER A 116 -17.51 -5.71 -0.93
C SER A 116 -17.33 -6.93 -0.06
N LEU A 117 -16.89 -6.70 1.16
CA LEU A 117 -16.82 -7.78 2.14
C LEU A 117 -18.25 -8.34 2.42
N LEU A 118 -19.24 -7.45 2.43
CA LEU A 118 -20.62 -7.86 2.72
C LEU A 118 -21.02 -8.91 1.71
N ASP A 119 -20.80 -8.58 0.45
CA ASP A 119 -21.18 -9.44 -0.66
C ASP A 119 -20.35 -10.72 -0.69
N ARG A 120 -19.07 -10.64 -0.36
CA ARG A 120 -18.29 -11.88 -0.32
C ARG A 120 -18.67 -12.73 0.86
N LEU A 121 -19.08 -12.11 1.97
CA LEU A 121 -19.54 -12.88 3.14
C LEU A 121 -20.86 -13.60 2.88
N SER A 122 -21.70 -13.01 2.05
CA SER A 122 -22.96 -13.61 1.71
C SER A 122 -22.81 -14.59 0.51
N CYS A 123 -21.67 -14.54 -0.18
CA CYS A 123 -21.40 -15.28 -1.41
C CYS A 123 -22.33 -14.86 -2.50
N LEU A 124 -22.65 -13.58 -2.55
CA LEU A 124 -23.49 -13.04 -3.63
C LEU A 124 -22.93 -13.46 -5.00
N ASP A 125 -23.83 -13.80 -5.90
CA ASP A 125 -23.50 -14.15 -7.30
C ASP A 125 -22.69 -15.43 -7.42
N GLY A 126 -22.63 -16.23 -6.35
CA GLY A 126 -22.07 -17.56 -6.40
C GLY A 126 -20.58 -17.70 -6.10
N THR A 127 -19.97 -16.69 -5.49
CA THR A 127 -18.53 -16.73 -5.20
C THR A 127 -18.33 -17.69 -4.06
N PRO A 128 -17.12 -18.30 -3.97
CA PRO A 128 -16.90 -19.27 -2.89
C PRO A 128 -16.72 -18.62 -1.49
N PRO A 129 -17.15 -19.31 -0.42
CA PRO A 129 -16.96 -18.79 0.91
C PRO A 129 -15.50 -18.45 1.17
N LEU A 130 -15.25 -17.45 2.01
CA LEU A 130 -13.91 -17.07 2.38
C LEU A 130 -13.44 -18.03 3.44
N SER A 131 -12.19 -18.48 3.33
CA SER A 131 -11.57 -19.26 4.35
C SER A 131 -11.38 -18.39 5.58
N TRP A 132 -11.27 -19.05 6.73
CA TRP A 132 -10.84 -18.42 7.94
C TRP A 132 -9.55 -17.64 7.73
N HIS A 133 -8.54 -18.31 7.16
CA HIS A 133 -7.25 -17.70 6.93
C HIS A 133 -7.42 -16.38 6.21
N MET A 134 -8.25 -16.36 5.17
CA MET A 134 -8.45 -15.11 4.41
C MET A 134 -9.23 -14.05 5.22
N ARG A 135 -10.26 -14.49 5.94
CA ARG A 135 -10.96 -13.63 6.89
C ARG A 135 -10.03 -12.96 7.90
N CYS A 136 -9.06 -13.72 8.39
CA CYS A 136 -8.12 -13.19 9.37
C CYS A 136 -7.29 -12.04 8.78
N LYS A 137 -6.86 -12.16 7.53
CA LYS A 137 -6.06 -11.09 6.89
C LYS A 137 -6.94 -9.91 6.51
N ILE A 138 -8.19 -10.21 6.21
CA ILE A 138 -9.16 -9.17 5.90
C ILE A 138 -9.37 -8.27 7.14
N ALA A 139 -9.50 -8.88 8.31
CA ALA A 139 -9.70 -8.15 9.53
C ALA A 139 -8.50 -7.27 9.81
N GLN A 140 -7.32 -7.84 9.69
CA GLN A 140 -6.07 -7.11 9.89
C GLN A 140 -5.96 -5.91 8.99
N GLY A 141 -6.10 -6.13 7.70
CA GLY A 141 -5.97 -5.04 6.75
C GLY A 141 -6.95 -3.93 7.04
N ALA A 142 -8.18 -4.30 7.40
CA ALA A 142 -9.22 -3.32 7.71
C ALA A 142 -8.87 -2.49 8.93
N ALA A 143 -8.40 -3.17 9.98
CA ALA A 143 -7.87 -2.54 11.16
C ALA A 143 -6.70 -1.61 10.83
N ASN A 144 -5.80 -2.07 9.93
CA ASN A 144 -4.69 -1.22 9.49
C ASN A 144 -5.21 0.05 8.77
N GLY A 145 -6.32 -0.09 8.05
CA GLY A 145 -6.88 1.04 7.29
C GLY A 145 -7.49 2.03 8.26
N ILE A 146 -8.24 1.53 9.24
CA ILE A 146 -8.86 2.42 10.21
C ILE A 146 -7.79 3.13 11.04
N ASN A 147 -6.74 2.42 11.43
CA ASN A 147 -5.62 3.01 12.15
C ASN A 147 -4.97 4.15 11.41
N PHE A 148 -4.79 3.97 10.11
CA PHE A 148 -4.20 5.06 9.33
C PHE A 148 -5.09 6.28 9.37
N LEU A 149 -6.41 6.07 9.30
CA LEU A 149 -7.36 7.18 9.36
C LEU A 149 -7.22 7.93 10.68
N HIS A 150 -7.18 7.18 11.78
CA HIS A 150 -7.12 7.72 13.12
C HIS A 150 -5.75 8.39 13.37
N GLU A 151 -4.65 7.79 12.89
CA GLU A 151 -3.34 8.43 12.99
C GLU A 151 -3.41 9.81 12.38
N ASN A 152 -4.13 9.95 11.28
CA ASN A 152 -4.32 11.25 10.60
C ASN A 152 -5.55 12.02 10.99
N HIS A 153 -6.11 11.70 12.16
CA HIS A 153 -7.11 12.53 12.81
C HIS A 153 -8.44 12.59 12.08
N HIS A 154 -8.82 11.48 11.43
CA HIS A 154 -10.14 11.36 10.86
C HIS A 154 -10.95 10.29 11.56
N ILE A 155 -12.22 10.57 11.75
CA ILE A 155 -13.19 9.58 12.15
C ILE A 155 -14.05 9.29 10.93
N HIS A 156 -14.22 8.01 10.61
CA HIS A 156 -14.95 7.55 9.44
C HIS A 156 -16.45 7.76 9.52
N ARG A 157 -17.05 7.23 10.58
CA ARG A 157 -18.50 7.40 10.90
C ARG A 157 -19.49 6.46 10.20
N ASP A 158 -18.98 5.56 9.36
CA ASP A 158 -19.81 4.55 8.71
C ASP A 158 -19.02 3.33 8.35
N ILE A 159 -18.33 2.78 9.34
CA ILE A 159 -17.57 1.61 9.17
C ILE A 159 -18.55 0.48 9.13
N LYS A 160 -18.53 -0.30 8.04
CA LYS A 160 -19.37 -1.48 7.91
C LYS A 160 -18.84 -2.34 6.79
N SER A 161 -19.33 -3.57 6.69
CA SER A 161 -18.81 -4.53 5.70
C SER A 161 -19.10 -4.16 4.24
N ALA A 162 -20.17 -3.42 3.95
CA ALA A 162 -20.32 -2.92 2.59
C ALA A 162 -19.28 -1.83 2.23
N ASN A 163 -18.66 -1.19 3.25
CA ASN A 163 -17.66 -0.15 3.01
C ASN A 163 -16.23 -0.67 3.13
N ILE A 164 -16.07 -2.00 3.19
CA ILE A 164 -14.79 -2.67 3.13
C ILE A 164 -14.73 -3.37 1.78
N LEU A 165 -13.97 -2.81 0.83
CA LEU A 165 -13.84 -3.41 -0.52
C LEU A 165 -12.66 -4.34 -0.55
N LEU A 166 -12.56 -5.16 -1.58
CA LEU A 166 -11.57 -6.27 -1.59
C LEU A 166 -11.01 -6.39 -2.98
N ASP A 167 -9.69 -6.52 -3.09
CA ASP A 167 -9.06 -6.58 -4.43
C ASP A 167 -8.74 -8.02 -4.78
N GLU A 168 -7.84 -8.21 -5.75
CA GLU A 168 -7.65 -9.49 -6.41
C GLU A 168 -7.10 -10.49 -5.42
N ALA A 169 -6.23 -10.02 -4.53
CA ALA A 169 -5.66 -10.91 -3.49
C ALA A 169 -6.42 -10.81 -2.17
N PHE A 170 -7.61 -10.19 -2.22
CA PHE A 170 -8.46 -10.00 -1.04
C PHE A 170 -7.81 -9.08 0.00
N THR A 171 -7.12 -8.06 -0.50
CA THR A 171 -6.61 -6.99 0.36
C THR A 171 -7.79 -6.10 0.69
N ALA A 172 -8.00 -5.92 1.99
CA ALA A 172 -9.14 -5.16 2.48
C ALA A 172 -8.86 -3.70 2.29
N LYS A 173 -9.83 -2.96 1.76
CA LYS A 173 -9.69 -1.52 1.67
C LYS A 173 -10.95 -0.79 2.12
N ILE A 174 -10.78 0.22 2.98
CA ILE A 174 -11.89 1.03 3.47
C ILE A 174 -12.34 2.05 2.44
N SER A 175 -13.65 2.17 2.29
CA SER A 175 -14.22 3.16 1.37
C SER A 175 -15.23 4.05 2.06
N ASP A 176 -15.63 5.06 1.33
CA ASP A 176 -16.74 5.96 1.67
C ASP A 176 -16.43 6.90 2.83
N PHE A 177 -15.78 8.01 2.49
CA PHE A 177 -15.31 9.00 3.45
C PHE A 177 -16.10 10.27 3.44
N GLY A 178 -17.26 10.27 2.80
CA GLY A 178 -18.10 11.45 2.75
C GLY A 178 -18.64 11.95 4.08
N LEU A 179 -18.73 11.08 5.09
CA LEU A 179 -19.24 11.48 6.40
C LEU A 179 -18.12 11.72 7.41
N ALA A 180 -16.87 11.61 6.98
CA ALA A 180 -15.76 11.64 7.91
C ALA A 180 -15.62 13.02 8.59
N ARG A 181 -15.04 13.00 9.79
CA ARG A 181 -14.81 14.23 10.57
C ARG A 181 -13.44 14.22 11.18
N ALA A 182 -12.93 15.40 11.52
CA ALA A 182 -11.68 15.53 12.25
C ALA A 182 -11.86 15.00 13.68
N SER A 183 -10.78 14.49 14.29
CA SER A 183 -10.89 13.90 15.63
C SER A 183 -10.38 14.86 16.70
N ALA A 187 -9.03 16.63 23.15
CA ALA A 187 -10.11 17.61 23.31
C ALA A 187 -11.46 16.95 23.66
N GLN A 188 -12.50 17.78 23.79
CA GLN A 188 -13.77 17.41 24.43
C GLN A 188 -14.80 16.71 23.52
N TPO A 189 -15.91 16.28 24.12
CA TPO A 189 -16.99 15.56 23.42
CB TPO A 189 -18.05 15.06 24.41
CG2 TPO A 189 -19.40 14.67 23.78
OG1 TPO A 189 -17.55 13.89 25.08
P TPO A 189 -17.75 13.75 26.66
O1P TPO A 189 -19.24 13.88 26.88
O2P TPO A 189 -17.16 12.37 26.90
O3P TPO A 189 -16.96 14.92 27.22
C TPO A 189 -17.72 16.42 22.43
O TPO A 189 -18.26 17.47 22.80
N VAL A 190 -17.78 15.96 21.19
CA VAL A 190 -18.44 16.70 20.11
C VAL A 190 -19.81 16.12 19.83
N MET A 191 -20.81 16.99 19.74
CA MET A 191 -22.16 16.57 19.45
C MET A 191 -22.58 17.12 18.10
N TPO A 192 -23.54 16.44 17.46
CA TPO A 192 -24.12 16.94 16.20
CB TPO A 192 -23.49 16.29 14.95
CG2 TPO A 192 -23.61 14.76 14.90
OG1 TPO A 192 -24.13 16.76 13.76
P TPO A 192 -23.51 17.91 12.79
O1P TPO A 192 -24.50 19.05 12.95
O2P TPO A 192 -23.53 17.30 11.41
O3P TPO A 192 -22.12 18.16 13.31
C TPO A 192 -25.60 16.76 16.30
O TPO A 192 -26.10 15.89 17.03
N SEP A 193 -26.32 17.60 15.57
CA SEP A 193 -27.77 17.52 15.44
CB SEP A 193 -28.29 18.92 15.11
OG SEP A 193 -27.24 19.71 14.53
C SEP A 193 -28.17 16.58 14.34
O SEP A 193 -29.32 16.12 14.29
P SEP A 193 -27.58 21.17 13.92
O1P SEP A 193 -28.32 21.84 15.07
O2P SEP A 193 -26.24 21.79 13.58
O3P SEP A 193 -28.42 20.84 12.70
N ARG A 194 -27.22 16.27 13.45
CA ARG A 194 -27.50 15.47 12.27
C ARG A 194 -26.86 14.08 12.45
N ILE A 195 -27.68 13.13 12.89
CA ILE A 195 -27.18 11.82 13.22
C ILE A 195 -27.27 10.98 11.99
N VAL A 196 -26.13 10.38 11.65
CA VAL A 196 -25.98 9.63 10.43
C VAL A 196 -25.11 8.39 10.68
N GLY A 197 -25.32 7.38 9.84
CA GLY A 197 -24.59 6.13 9.96
C GLY A 197 -25.54 5.01 9.68
N THR A 198 -25.08 3.78 9.83
CA THR A 198 -25.96 2.64 9.64
C THR A 198 -26.27 2.03 10.99
N THR A 199 -27.56 1.91 11.29
CA THR A 199 -27.99 1.72 12.67
C THR A 199 -27.56 0.38 13.25
N ALA A 200 -27.56 -0.68 12.47
CA ALA A 200 -27.09 -1.99 12.93
C ALA A 200 -25.59 -2.05 13.29
N TYR A 201 -24.84 -1.06 12.85
CA TYR A 201 -23.43 -0.93 13.18
C TYR A 201 -23.10 0.16 14.24
N MET A 202 -24.05 1.01 14.59
CA MET A 202 -23.66 2.22 15.32
C MET A 202 -23.52 2.00 16.83
N ALA A 203 -22.49 2.60 17.39
CA ALA A 203 -22.28 2.69 18.80
C ALA A 203 -23.43 3.44 19.44
N PRO A 204 -23.74 3.12 20.73
CA PRO A 204 -24.79 3.81 21.48
C PRO A 204 -24.57 5.33 21.52
N GLU A 205 -23.35 5.77 21.78
CA GLU A 205 -23.09 7.21 21.81
C GLU A 205 -23.28 7.90 20.45
N ALA A 206 -23.07 7.16 19.36
CA ALA A 206 -23.19 7.71 18.00
C ALA A 206 -24.63 7.86 17.65
N LEU A 207 -25.43 6.92 18.13
CA LEU A 207 -26.89 6.98 17.95
C LEU A 207 -27.50 8.17 18.69
N ARG A 208 -26.78 8.73 19.67
CA ARG A 208 -27.24 9.89 20.43
C ARG A 208 -26.63 11.17 19.93
N GLY A 209 -25.74 11.08 18.93
CA GLY A 209 -25.23 12.27 18.25
C GLY A 209 -23.82 12.66 18.63
N GLU A 210 -23.12 11.81 19.39
CA GLU A 210 -21.71 12.04 19.64
C GLU A 210 -20.85 11.64 18.46
N ILE A 211 -19.73 12.36 18.31
CA ILE A 211 -18.75 12.15 17.29
C ILE A 211 -17.42 11.90 17.94
N THR A 212 -16.94 10.66 17.85
CA THR A 212 -15.69 10.28 18.46
C THR A 212 -15.13 9.04 17.77
N PRO A 213 -13.79 8.94 17.71
CA PRO A 213 -13.17 7.84 17.01
C PRO A 213 -13.53 6.49 17.63
N LYS A 214 -13.96 6.53 18.87
CA LYS A 214 -14.31 5.37 19.61
C LYS A 214 -15.54 4.66 19.05
N SER A 215 -16.41 5.40 18.37
CA SER A 215 -17.54 4.82 17.66
C SER A 215 -17.11 3.96 16.44
N ASP A 216 -15.99 4.34 15.78
CA ASP A 216 -15.40 3.53 14.72
C ASP A 216 -14.98 2.15 15.25
N ILE A 217 -14.43 2.11 16.46
CA ILE A 217 -13.99 0.82 17.05
C ILE A 217 -15.17 -0.15 17.29
N TYR A 218 -16.28 0.41 17.76
CA TYR A 218 -17.48 -0.34 18.04
C TYR A 218 -18.04 -0.90 16.75
N SER A 219 -18.20 -0.03 15.75
CA SER A 219 -18.65 -0.45 14.44
C SER A 219 -17.73 -1.53 13.85
N PHE A 220 -16.42 -1.38 14.01
CA PHE A 220 -15.54 -2.46 13.61
C PHE A 220 -15.76 -3.77 14.37
N GLY A 221 -16.20 -3.70 15.62
CA GLY A 221 -16.50 -4.90 16.38
C GLY A 221 -17.62 -5.67 15.75
N VAL A 222 -18.65 -4.96 15.28
CA VAL A 222 -19.75 -5.59 14.59
C VAL A 222 -19.26 -6.22 13.28
N VAL A 223 -18.31 -5.58 12.60
CA VAL A 223 -17.78 -6.15 11.36
C VAL A 223 -17.06 -7.45 11.65
N LEU A 224 -16.33 -7.50 12.76
CA LEU A 224 -15.67 -8.72 13.17
C LEU A 224 -16.64 -9.88 13.46
N LEU A 225 -17.81 -9.58 14.04
CA LEU A 225 -18.85 -10.60 14.20
C LEU A 225 -19.44 -11.08 12.86
N GLU A 226 -19.65 -10.17 11.91
CA GLU A 226 -20.01 -10.59 10.55
C GLU A 226 -18.95 -11.57 10.01
N ILE A 227 -17.69 -11.22 10.13
CA ILE A 227 -16.59 -12.09 9.65
C ILE A 227 -16.63 -13.48 10.28
N ILE A 228 -16.81 -13.54 11.59
CA ILE A 228 -16.83 -14.81 12.31
C ILE A 228 -18.04 -15.71 12.00
N THR A 229 -19.21 -15.10 11.87
CA THR A 229 -20.47 -15.84 11.78
C THR A 229 -20.99 -15.99 10.37
N GLY A 230 -20.59 -15.10 9.47
CA GLY A 230 -21.15 -15.08 8.12
C GLY A 230 -22.50 -14.40 8.01
N LEU A 231 -22.99 -13.86 9.13
CA LEU A 231 -24.34 -13.24 9.19
C LEU A 231 -24.26 -11.74 8.96
N PRO A 232 -25.17 -11.19 8.13
CA PRO A 232 -25.26 -9.72 8.08
C PRO A 232 -25.63 -9.07 9.44
N ALA A 233 -25.18 -7.84 9.66
CA ALA A 233 -25.46 -7.09 10.89
C ALA A 233 -26.95 -7.02 11.20
N VAL A 234 -27.77 -6.92 10.17
CA VAL A 234 -29.21 -6.92 10.34
C VAL A 234 -29.87 -7.81 9.30
N ASP A 235 -30.93 -8.53 9.71
CA ASP A 235 -31.70 -9.36 8.79
C ASP A 235 -33.08 -9.46 9.39
N GLU A 236 -34.03 -8.82 8.73
CA GLU A 236 -35.36 -8.74 9.26
C GLU A 236 -36.07 -10.09 9.35
N HIS A 237 -35.64 -11.06 8.54
CA HIS A 237 -36.24 -12.39 8.55
C HIS A 237 -35.50 -13.37 9.48
N ARG A 238 -34.68 -12.85 10.38
CA ARG A 238 -33.92 -13.65 11.32
C ARG A 238 -34.32 -13.28 12.73
N GLU A 239 -33.98 -14.13 13.68
CA GLU A 239 -34.18 -13.87 15.08
C GLU A 239 -32.91 -14.32 15.80
N PRO A 240 -32.19 -13.39 16.45
CA PRO A 240 -32.51 -11.95 16.48
C PRO A 240 -32.17 -11.22 15.18
N GLN A 241 -32.86 -10.10 14.94
CA GLN A 241 -32.67 -9.36 13.72
C GLN A 241 -31.30 -8.71 13.73
N LEU A 242 -30.80 -8.38 14.92
CA LEU A 242 -29.57 -7.64 15.05
C LEU A 242 -28.44 -8.53 15.51
N LEU A 243 -27.34 -8.57 14.74
CA LEU A 243 -26.18 -9.40 15.09
C LEU A 243 -25.63 -9.09 16.46
N LEU A 244 -25.62 -7.82 16.84
CA LEU A 244 -25.34 -7.35 18.22
C LEU A 244 -26.02 -8.12 19.36
N ASP A 245 -27.30 -8.44 19.20
CA ASP A 245 -28.01 -9.19 20.23
C ASP A 245 -27.37 -10.54 20.51
N ILE A 246 -26.72 -11.11 19.49
CA ILE A 246 -26.01 -12.37 19.60
C ILE A 246 -24.97 -12.29 20.69
N LYS A 247 -24.26 -11.17 20.77
CA LYS A 247 -23.23 -11.04 21.80
C LYS A 247 -23.85 -11.17 23.20
N GLU A 248 -25.07 -10.66 23.37
CA GLU A 248 -25.74 -10.73 24.68
C GLU A 248 -26.10 -12.16 25.08
N GLU A 249 -26.48 -12.96 24.09
CA GLU A 249 -26.81 -14.36 24.34
C GLU A 249 -25.58 -15.17 24.76
N ILE A 250 -24.40 -14.75 24.30
CA ILE A 250 -23.14 -15.41 24.65
C ILE A 250 -22.56 -14.89 25.98
N GLU A 251 -22.66 -13.59 26.22
CA GLU A 251 -22.28 -12.98 27.50
C GLU A 251 -23.12 -13.51 28.67
N ASP A 252 -24.42 -13.65 28.45
CA ASP A 252 -25.25 -14.49 29.29
C ASP A 252 -24.91 -15.92 28.83
N GLU A 253 -24.92 -16.89 29.72
CA GLU A 253 -24.39 -18.23 29.38
C GLU A 253 -25.17 -18.93 28.25
N GLU A 254 -26.26 -18.31 27.78
CA GLU A 254 -27.22 -18.96 26.90
C GLU A 254 -26.65 -19.66 25.64
N LYS A 255 -25.63 -19.06 25.02
CA LYS A 255 -25.05 -19.60 23.80
C LYS A 255 -23.54 -19.40 23.80
N THR A 256 -22.84 -20.08 22.90
CA THR A 256 -21.40 -19.86 22.74
C THR A 256 -21.11 -19.30 21.33
N ILE A 257 -19.91 -18.76 21.14
CA ILE A 257 -19.51 -18.28 19.83
C ILE A 257 -19.43 -19.45 18.82
N GLU A 258 -19.09 -20.64 19.30
CA GLU A 258 -19.09 -21.86 18.48
C GLU A 258 -20.46 -22.14 17.86
N ASP A 259 -21.56 -21.81 18.54
CA ASP A 259 -22.89 -22.00 17.94
C ASP A 259 -23.10 -21.13 16.69
N TYR A 260 -22.36 -20.04 16.58
CA TYR A 260 -22.59 -19.10 15.51
C TYR A 260 -21.48 -19.02 14.48
N ILE A 261 -20.34 -19.68 14.71
CA ILE A 261 -19.26 -19.71 13.71
C ILE A 261 -19.83 -20.07 12.36
N ASP A 262 -19.40 -19.34 11.33
CA ASP A 262 -19.88 -19.58 10.00
C ASP A 262 -19.51 -21.01 9.60
N LYS A 263 -20.50 -21.77 9.17
CA LYS A 263 -20.32 -23.15 8.81
C LYS A 263 -19.78 -23.30 7.41
N LYS A 264 -19.76 -22.22 6.63
CA LYS A 264 -19.17 -22.28 5.32
C LYS A 264 -17.62 -22.18 5.34
N MET A 265 -16.99 -22.84 6.32
CA MET A 265 -15.54 -22.86 6.58
C MET A 265 -15.11 -24.22 7.13
N ASN A 266 -13.89 -24.66 6.86
CA ASN A 266 -13.33 -25.84 7.55
C ASN A 266 -11.99 -25.59 8.25
N ASP A 267 -11.39 -24.43 8.03
CA ASP A 267 -10.03 -24.12 8.51
C ASP A 267 -10.04 -23.22 9.74
N ALA A 268 -11.10 -23.28 10.55
CA ALA A 268 -11.28 -22.38 11.68
C ALA A 268 -11.13 -23.06 13.05
N ASP A 269 -9.91 -23.15 13.56
CA ASP A 269 -9.68 -23.75 14.88
C ASP A 269 -10.27 -22.90 15.99
N SER A 270 -10.72 -23.55 17.07
CA SER A 270 -11.33 -22.86 18.21
C SER A 270 -10.54 -21.67 18.76
N THR A 271 -9.21 -21.75 18.73
CA THR A 271 -8.37 -20.76 19.41
C THR A 271 -8.34 -19.40 18.73
N SER A 272 -8.20 -19.36 17.40
CA SER A 272 -8.12 -18.08 16.71
C SER A 272 -9.51 -17.46 16.52
N VAL A 273 -10.54 -18.29 16.42
CA VAL A 273 -11.91 -17.79 16.40
C VAL A 273 -12.20 -17.10 17.73
N GLU A 274 -11.91 -17.77 18.83
CA GLU A 274 -12.15 -17.20 20.16
C GLU A 274 -11.31 -15.92 20.36
N ALA A 275 -10.06 -15.95 19.91
CA ALA A 275 -9.20 -14.78 19.97
C ALA A 275 -9.76 -13.60 19.17
N MET A 276 -10.33 -13.85 18.00
CA MET A 276 -11.01 -12.81 17.23
C MET A 276 -12.28 -12.38 17.95
N TYR A 277 -13.05 -13.34 18.45
CA TYR A 277 -14.24 -12.98 19.22
C TYR A 277 -13.87 -12.12 20.42
N SER A 278 -12.72 -12.39 21.03
CA SER A 278 -12.29 -11.60 22.17
C SER A 278 -11.99 -10.17 21.74
N VAL A 279 -11.35 -10.00 20.58
CA VAL A 279 -11.13 -8.64 20.10
C VAL A 279 -12.48 -8.01 19.87
N ALA A 280 -13.41 -8.76 19.30
CA ALA A 280 -14.73 -8.22 18.97
C ALA A 280 -15.46 -7.72 20.20
N SER A 281 -15.47 -8.51 21.26
CA SER A 281 -16.30 -8.16 22.41
C SER A 281 -15.71 -6.96 23.12
N GLN A 282 -14.38 -6.90 23.14
CA GLN A 282 -13.69 -5.72 23.65
C GLN A 282 -14.11 -4.48 22.88
N CYS A 283 -13.94 -4.49 21.55
CA CYS A 283 -14.47 -3.42 20.69
C CYS A 283 -15.90 -3.07 21.02
N LEU A 284 -16.72 -4.07 21.33
CA LEU A 284 -18.15 -3.84 21.60
C LEU A 284 -18.53 -3.42 23.04
N HIS A 285 -17.57 -3.07 23.88
CA HIS A 285 -17.93 -2.51 25.19
C HIS A 285 -18.93 -1.40 24.94
N GLU A 286 -20.05 -1.46 25.64
CA GLU A 286 -21.10 -0.45 25.47
C GLU A 286 -20.64 0.95 25.95
N LYS A 287 -19.63 0.98 26.83
CA LYS A 287 -19.04 2.23 27.32
C LYS A 287 -17.78 2.61 26.55
N LYS A 288 -17.85 3.73 25.84
CA LYS A 288 -16.79 4.12 24.90
C LYS A 288 -15.37 4.10 25.44
N ASN A 289 -15.19 4.47 26.71
CA ASN A 289 -13.83 4.58 27.28
C ASN A 289 -13.18 3.23 27.63
N LYS A 290 -13.97 2.16 27.67
CA LYS A 290 -13.43 0.84 27.98
C LYS A 290 -12.92 0.10 26.75
N ARG A 291 -13.35 0.54 25.57
CA ARG A 291 -12.94 -0.07 24.31
C ARG A 291 -11.49 0.21 24.05
N PRO A 292 -10.76 -0.73 23.46
CA PRO A 292 -9.39 -0.45 23.08
C PRO A 292 -9.38 0.58 21.96
N ASP A 293 -8.26 1.29 21.79
CA ASP A 293 -8.11 2.15 20.64
C ASP A 293 -7.55 1.32 19.46
N ILE A 294 -7.69 1.84 18.25
CA ILE A 294 -7.44 1.06 17.06
C ILE A 294 -6.04 0.45 17.03
N LYS A 295 -5.07 1.16 17.57
CA LYS A 295 -3.72 0.63 17.61
C LYS A 295 -3.69 -0.64 18.44
N LYS A 296 -4.34 -0.63 19.59
CA LYS A 296 -4.49 -1.86 20.40
C LYS A 296 -5.20 -2.98 19.62
N VAL A 297 -6.25 -2.63 18.90
CA VAL A 297 -6.95 -3.63 18.11
C VAL A 297 -6.00 -4.28 17.09
N GLN A 298 -5.20 -3.46 16.39
CA GLN A 298 -4.21 -3.95 15.44
C GLN A 298 -3.30 -4.97 16.06
N GLN A 299 -2.79 -4.64 17.24
CA GLN A 299 -1.84 -5.51 17.92
C GLN A 299 -2.48 -6.84 18.20
N LEU A 300 -3.71 -6.82 18.72
CA LEU A 300 -4.36 -8.07 19.10
C LEU A 300 -4.64 -8.95 17.88
N LEU A 301 -4.95 -8.33 16.75
CA LEU A 301 -5.23 -9.08 15.53
C LEU A 301 -3.95 -9.66 14.89
N GLN A 302 -2.79 -9.08 15.16
CA GLN A 302 -1.52 -9.71 14.76
C GLN A 302 -1.16 -10.85 15.71
N GLU A 303 -1.26 -10.59 17.01
CA GLU A 303 -1.00 -11.63 18.01
C GLU A 303 -1.86 -12.88 17.74
N MET A 304 -3.12 -12.65 17.39
CA MET A 304 -4.05 -13.72 17.01
C MET A 304 -3.41 -14.78 16.10
N THR A 305 -2.58 -14.33 15.15
CA THR A 305 -1.84 -15.23 14.26
C THR A 305 -0.34 -15.20 14.55
N PHE B 12 19.09 12.36 14.96
CA PHE B 12 19.13 10.86 15.08
C PHE B 12 19.41 10.40 16.51
N HIS B 13 18.48 9.63 17.08
CA HIS B 13 18.66 9.00 18.38
C HIS B 13 19.79 7.97 18.34
N SER B 14 20.56 7.88 19.42
CA SER B 14 21.62 6.90 19.54
C SER B 14 21.14 5.71 20.36
N PHE B 15 20.74 4.64 19.68
CA PHE B 15 20.27 3.43 20.36
C PHE B 15 21.46 2.71 20.98
N SER B 16 21.19 1.96 22.04
CA SER B 16 22.20 1.08 22.62
C SER B 16 22.09 -0.26 21.92
N PHE B 17 23.24 -0.90 21.68
CA PHE B 17 23.28 -2.20 21.05
C PHE B 17 22.34 -3.17 21.77
N TYR B 18 22.30 -3.10 23.10
CA TYR B 18 21.49 -4.02 23.88
C TYR B 18 19.99 -3.83 23.67
N GLU B 19 19.56 -2.58 23.45
CA GLU B 19 18.17 -2.34 23.06
C GLU B 19 17.89 -2.94 21.68
N LEU B 20 18.85 -2.84 20.76
CA LEU B 20 18.66 -3.37 19.42
C LEU B 20 18.56 -4.89 19.38
N LYS B 21 19.30 -5.59 20.25
CA LYS B 21 19.16 -7.06 20.30
C LYS B 21 17.77 -7.38 20.83
N ASN B 22 17.32 -6.58 21.79
CA ASN B 22 16.01 -6.79 22.41
C ASN B 22 14.86 -6.68 21.40
N VAL B 23 14.79 -5.56 20.69
CA VAL B 23 13.75 -5.36 19.66
C VAL B 23 13.80 -6.37 18.49
N THR B 24 14.92 -7.09 18.35
CA THR B 24 15.10 -8.03 17.24
C THR B 24 15.18 -9.53 17.63
N ASN B 25 14.74 -9.87 18.85
CA ASN B 25 14.90 -11.25 19.37
C ASN B 25 16.35 -11.68 19.21
N ASN B 26 17.27 -10.86 19.70
CA ASN B 26 18.70 -11.12 19.55
C ASN B 26 19.11 -11.46 18.12
N PHE B 27 18.57 -10.67 17.18
CA PHE B 27 18.85 -10.81 15.74
C PHE B 27 18.56 -12.23 15.21
N ASP B 28 17.31 -12.63 15.37
CA ASP B 28 16.86 -13.95 14.97
C ASP B 28 16.98 -14.13 13.45
N GLU B 29 17.77 -15.10 13.03
CA GLU B 29 18.10 -15.33 11.62
C GLU B 29 16.92 -15.85 10.79
N ARG B 30 15.95 -16.47 11.45
CA ARG B 30 14.83 -17.11 10.74
C ARG B 30 13.93 -16.05 10.11
N PRO B 31 13.20 -16.42 9.04
CA PRO B 31 12.22 -15.50 8.42
C PRO B 31 11.05 -15.11 9.33
N ILE B 32 10.25 -14.15 8.87
CA ILE B 32 9.13 -13.65 9.67
C ILE B 32 8.10 -14.77 9.83
N SER B 33 7.70 -15.39 8.71
CA SER B 33 6.67 -16.44 8.71
C SER B 33 6.95 -17.55 9.72
N VAL B 34 8.22 -17.96 9.82
CA VAL B 34 8.63 -19.06 10.69
C VAL B 34 8.76 -18.63 12.17
N GLY B 35 8.68 -17.32 12.44
CA GLY B 35 8.74 -16.79 13.82
C GLY B 35 9.89 -15.81 14.09
N GLY B 36 10.79 -15.65 13.13
CA GLY B 36 11.99 -14.84 13.34
C GLY B 36 11.84 -13.37 13.01
N ASN B 37 12.97 -12.70 12.86
CA ASN B 37 13.01 -11.26 12.55
C ASN B 37 13.73 -10.88 11.26
N LYS B 38 14.38 -11.83 10.60
CA LYS B 38 15.15 -11.54 9.39
C LYS B 38 14.20 -11.28 8.22
N MET B 39 14.35 -10.12 7.59
CA MET B 39 13.58 -9.78 6.40
C MET B 39 14.40 -10.02 5.16
N GLY B 40 15.69 -9.74 5.23
CA GLY B 40 16.55 -9.94 4.08
C GLY B 40 17.96 -9.39 4.19
N GLU B 41 18.79 -9.80 3.23
CA GLU B 41 20.17 -9.36 3.09
C GLU B 41 20.19 -8.23 2.08
N GLY B 42 21.13 -7.31 2.25
CA GLY B 42 21.24 -6.14 1.39
C GLY B 42 21.80 -4.95 2.14
N GLY B 43 22.48 -4.08 1.40
CA GLY B 43 23.11 -2.90 1.98
C GLY B 43 24.36 -3.22 2.77
N PHE B 44 25.09 -4.25 2.32
CA PHE B 44 26.29 -4.67 2.99
C PHE B 44 25.88 -5.02 4.42
N GLY B 45 25.01 -6.01 4.55
CA GLY B 45 24.50 -6.42 5.86
C GLY B 45 23.22 -7.25 5.78
N VAL B 46 22.54 -7.38 6.92
CA VAL B 46 21.24 -8.08 6.99
C VAL B 46 20.23 -7.20 7.75
N VAL B 47 18.98 -7.25 7.31
CA VAL B 47 17.95 -6.33 7.76
C VAL B 47 16.84 -7.03 8.51
N TYR B 48 16.55 -6.55 9.71
CA TYR B 48 15.65 -7.23 10.66
C TYR B 48 14.43 -6.42 10.99
N LYS B 49 13.37 -7.09 11.41
CA LYS B 49 12.16 -6.41 11.84
C LYS B 49 12.20 -6.15 13.36
N GLY B 50 11.91 -4.91 13.75
CA GLY B 50 11.91 -4.52 15.15
C GLY B 50 10.61 -3.81 15.52
N TYR B 51 10.38 -3.72 16.83
CA TYR B 51 9.26 -2.99 17.40
C TYR B 51 9.79 -2.08 18.51
N VAL B 52 9.44 -0.80 18.43
CA VAL B 52 9.73 0.16 19.49
C VAL B 52 8.52 1.07 19.60
N ASN B 53 7.96 1.20 20.80
CA ASN B 53 6.91 2.18 21.05
C ASN B 53 5.70 1.93 20.16
N ASN B 54 5.34 0.66 19.99
CA ASN B 54 4.28 0.22 19.05
C ASN B 54 4.53 0.64 17.57
N THR B 55 5.79 0.92 17.23
CA THR B 55 6.19 1.46 15.92
C THR B 55 7.12 0.47 15.28
N THR B 56 6.75 -0.07 14.12
CA THR B 56 7.60 -1.09 13.49
C THR B 56 8.85 -0.41 12.91
N VAL B 57 10.01 -1.04 13.07
CA VAL B 57 11.25 -0.51 12.48
C VAL B 57 11.99 -1.60 11.73
N ALA B 58 12.93 -1.17 10.90
CA ALA B 58 13.85 -2.03 10.19
C ALA B 58 15.24 -1.76 10.75
N VAL B 59 15.94 -2.81 11.17
CA VAL B 59 17.27 -2.66 11.72
C VAL B 59 18.27 -3.35 10.81
N LYS B 60 19.15 -2.59 10.21
CA LYS B 60 20.23 -3.19 9.44
C LYS B 60 21.43 -3.36 10.33
N LYS B 61 21.98 -4.57 10.34
CA LYS B 61 23.24 -4.84 11.00
C LYS B 61 24.26 -5.13 9.90
N LEU B 62 25.36 -4.37 9.88
CA LEU B 62 26.29 -4.44 8.76
C LEU B 62 27.21 -5.66 8.81
N ALA B 63 27.64 -6.12 7.64
CA ALA B 63 28.48 -7.31 7.52
C ALA B 63 29.52 -7.16 6.39
N ILE B 68 35.33 -7.77 1.84
CA ILE B 68 35.63 -6.32 1.78
C ILE B 68 36.17 -5.81 3.12
N THR B 69 37.06 -4.80 3.07
CA THR B 69 37.73 -4.28 4.28
C THR B 69 36.72 -3.79 5.32
N THR B 70 36.93 -4.22 6.57
CA THR B 70 36.10 -3.82 7.69
C THR B 70 36.15 -2.31 7.93
N GLU B 71 37.27 -1.68 7.59
CA GLU B 71 37.46 -0.25 7.84
C GLU B 71 36.68 0.60 6.80
N GLU B 72 36.52 0.06 5.59
CA GLU B 72 35.68 0.72 4.58
C GLU B 72 34.20 0.60 4.97
N LEU B 73 33.81 -0.51 5.56
CA LEU B 73 32.44 -0.67 6.06
C LEU B 73 32.16 0.33 7.17
N LYS B 74 33.21 0.70 7.89
CA LYS B 74 33.14 1.76 8.89
C LYS B 74 32.71 3.05 8.20
N GLN B 75 33.40 3.40 7.12
CA GLN B 75 33.21 4.70 6.47
C GLN B 75 31.85 4.82 5.76
N GLN B 76 31.41 3.72 5.15
CA GLN B 76 30.08 3.60 4.55
C GLN B 76 28.95 3.91 5.56
N PHE B 77 29.03 3.29 6.73
CA PHE B 77 28.14 3.61 7.85
C PHE B 77 28.16 5.10 8.15
N ASP B 78 29.36 5.65 8.33
CA ASP B 78 29.52 7.07 8.60
C ASP B 78 28.87 7.88 7.50
N GLN B 79 29.13 7.49 6.26
CA GLN B 79 28.61 8.24 5.11
C GLN B 79 27.08 8.22 5.06
N GLU B 80 26.48 7.10 5.43
CA GLU B 80 25.03 6.99 5.37
C GLU B 80 24.40 7.98 6.34
N ILE B 81 24.96 8.05 7.55
CA ILE B 81 24.43 8.95 8.56
C ILE B 81 24.66 10.37 8.09
N LYS B 82 25.86 10.60 7.58
CA LYS B 82 26.21 11.91 7.02
C LYS B 82 25.16 12.38 5.98
N VAL B 83 24.82 11.51 5.03
CA VAL B 83 23.85 11.86 4.00
C VAL B 83 22.44 11.94 4.54
N MET B 84 22.06 11.00 5.40
CA MET B 84 20.72 11.05 5.99
C MET B 84 20.51 12.29 6.85
N ALA B 85 21.58 12.79 7.47
CA ALA B 85 21.49 14.03 8.21
C ALA B 85 21.03 15.15 7.30
N LYS B 86 21.66 15.27 6.12
CA LYS B 86 21.37 16.38 5.20
C LYS B 86 20.13 16.18 4.33
N CYS B 87 19.78 14.93 4.07
CA CYS B 87 18.73 14.61 3.11
C CYS B 87 17.48 13.97 3.72
N GLN B 88 16.40 14.73 3.76
CA GLN B 88 15.11 14.19 4.15
C GLN B 88 14.10 14.59 3.12
N HIS B 89 13.50 13.59 2.44
CA HIS B 89 12.58 13.84 1.35
C HIS B 89 11.55 12.71 1.31
N GLU B 90 10.42 12.96 0.67
CA GLU B 90 9.31 12.02 0.58
C GLU B 90 9.65 10.70 -0.13
N ASN B 91 10.66 10.71 -0.99
CA ASN B 91 11.08 9.55 -1.78
C ASN B 91 12.49 9.07 -1.40
N LEU B 92 12.89 9.30 -0.15
CA LEU B 92 14.05 8.66 0.45
C LEU B 92 13.64 8.08 1.77
N VAL B 93 14.28 6.97 2.16
CA VAL B 93 14.00 6.34 3.44
C VAL B 93 14.40 7.26 4.58
N GLU B 94 13.84 7.01 5.77
CA GLU B 94 14.07 7.81 6.97
C GLU B 94 14.90 7.05 7.99
N LEU B 95 16.11 7.55 8.24
CA LEU B 95 16.95 7.02 9.29
C LEU B 95 16.43 7.59 10.60
N LEU B 96 16.32 6.72 11.60
CA LEU B 96 15.85 7.13 12.92
C LEU B 96 17.01 7.19 13.89
N GLY B 97 17.90 6.19 13.82
CA GLY B 97 19.07 6.19 14.65
C GLY B 97 20.11 5.18 14.23
N PHE B 98 21.08 4.99 15.11
CA PHE B 98 22.28 4.21 14.83
C PHE B 98 22.82 3.59 16.12
N SER B 99 23.82 2.73 15.95
CA SER B 99 24.37 1.96 17.05
C SER B 99 25.81 1.57 16.75
N SER B 100 26.74 2.34 17.32
CA SER B 100 28.16 2.07 17.21
C SER B 100 28.74 1.83 18.60
N ASP B 101 29.94 1.26 18.63
CA ASP B 101 30.60 0.88 19.88
C ASP B 101 30.01 -0.43 20.48
N GLY B 102 29.10 -1.06 19.74
CA GLY B 102 28.73 -2.44 20.00
C GLY B 102 29.67 -3.30 19.16
N ASP B 103 29.35 -4.59 19.07
CA ASP B 103 30.15 -5.48 18.24
C ASP B 103 29.96 -5.14 16.77
N ASP B 104 28.73 -5.32 16.29
CA ASP B 104 28.39 -5.01 14.91
C ASP B 104 27.74 -3.63 14.85
N LEU B 105 27.76 -3.02 13.67
CA LEU B 105 27.21 -1.67 13.46
C LEU B 105 25.77 -1.74 12.95
N CYS B 106 24.91 -0.87 13.47
CA CYS B 106 23.50 -0.91 13.15
C CYS B 106 22.89 0.41 12.70
N LEU B 107 21.99 0.32 11.73
CA LEU B 107 21.21 1.46 11.29
C LEU B 107 19.74 1.13 11.45
N VAL B 108 18.96 2.10 11.88
CA VAL B 108 17.56 1.90 12.23
C VAL B 108 16.70 2.90 11.47
N TYR B 109 15.73 2.38 10.71
CA TYR B 109 14.91 3.18 9.82
C TYR B 109 13.44 2.98 10.07
N VAL B 110 12.63 3.91 9.56
CA VAL B 110 11.19 3.64 9.48
C VAL B 110 10.95 2.41 8.57
N TYR B 111 10.11 1.49 9.06
CA TYR B 111 9.76 0.27 8.35
C TYR B 111 9.04 0.55 7.03
N MET B 112 9.44 -0.16 5.99
CA MET B 112 8.78 -0.10 4.69
C MET B 112 8.04 -1.42 4.50
N PRO B 113 6.72 -1.45 4.79
CA PRO B 113 5.94 -2.70 4.79
C PRO B 113 6.05 -3.55 3.54
N ASN B 114 6.23 -2.91 2.40
CA ASN B 114 6.22 -3.61 1.12
C ASN B 114 7.57 -3.94 0.50
N GLY B 115 8.65 -3.76 1.27
CA GLY B 115 9.99 -4.21 0.89
C GLY B 115 10.55 -3.54 -0.35
N SER B 116 11.26 -4.31 -1.18
CA SER B 116 11.99 -3.73 -2.28
C SER B 116 11.20 -3.78 -3.57
N LEU B 117 11.48 -2.87 -4.48
CA LEU B 117 10.85 -2.90 -5.80
C LEU B 117 11.22 -4.20 -6.53
N LEU B 118 12.46 -4.63 -6.36
CA LEU B 118 12.94 -5.89 -6.95
C LEU B 118 12.03 -7.04 -6.59
N ASP B 119 11.72 -7.14 -5.30
CA ASP B 119 11.02 -8.31 -4.80
C ASP B 119 9.57 -8.26 -5.20
N ARG B 120 8.98 -7.08 -5.19
CA ARG B 120 7.63 -6.92 -5.68
C ARG B 120 7.50 -7.15 -7.18
N LEU B 121 8.53 -6.84 -7.96
CA LEU B 121 8.51 -7.15 -9.39
C LEU B 121 8.58 -8.66 -9.63
N SER B 122 9.38 -9.36 -8.84
CA SER B 122 9.41 -10.82 -8.88
C SER B 122 8.22 -11.53 -8.16
N CYS B 123 7.38 -10.78 -7.47
CA CYS B 123 6.26 -11.35 -6.69
C CYS B 123 6.73 -12.35 -5.65
N LEU B 124 7.91 -12.09 -5.11
CA LEU B 124 8.46 -12.92 -4.02
C LEU B 124 7.46 -13.08 -2.86
N ASP B 125 7.36 -14.30 -2.34
CA ASP B 125 6.49 -14.64 -1.21
C ASP B 125 5.02 -14.53 -1.54
N GLY B 126 4.71 -14.47 -2.84
CA GLY B 126 3.35 -14.55 -3.30
C GLY B 126 2.59 -13.26 -3.40
N THR B 127 3.26 -12.11 -3.36
CA THR B 127 2.55 -10.83 -3.44
C THR B 127 1.97 -10.67 -4.82
N PRO B 128 0.80 -10.01 -4.96
CA PRO B 128 0.20 -9.73 -6.27
C PRO B 128 1.03 -8.79 -7.15
N PRO B 129 1.07 -9.05 -8.48
CA PRO B 129 1.78 -8.19 -9.43
C PRO B 129 1.39 -6.74 -9.28
N LEU B 130 2.34 -5.83 -9.52
CA LEU B 130 2.07 -4.40 -9.54
C LEU B 130 1.40 -4.10 -10.85
N SER B 131 0.43 -3.20 -10.81
CA SER B 131 -0.31 -2.83 -11.98
C SER B 131 0.49 -1.71 -12.61
N TRP B 132 0.25 -1.46 -13.88
CA TRP B 132 0.89 -0.39 -14.58
C TRP B 132 0.71 0.99 -13.90
N HIS B 133 -0.50 1.24 -13.38
CA HIS B 133 -0.73 2.43 -12.53
C HIS B 133 0.23 2.56 -11.36
N MET B 134 0.35 1.51 -10.56
CA MET B 134 1.29 1.56 -9.44
C MET B 134 2.72 1.79 -9.98
N ARG B 135 3.06 1.15 -11.10
CA ARG B 135 4.43 1.24 -11.60
C ARG B 135 4.82 2.65 -12.08
N CYS B 136 3.88 3.36 -12.72
CA CYS B 136 4.10 4.75 -13.11
C CYS B 136 4.33 5.67 -11.92
N LYS B 137 3.56 5.45 -10.86
CA LYS B 137 3.75 6.19 -9.59
C LYS B 137 5.12 5.87 -8.99
N ILE B 138 5.49 4.59 -9.00
CA ILE B 138 6.78 4.19 -8.46
C ILE B 138 7.92 4.85 -9.25
N ALA B 139 7.79 4.93 -10.57
CA ALA B 139 8.86 5.45 -11.40
C ALA B 139 9.03 6.94 -11.16
N GLN B 140 7.90 7.66 -11.11
CA GLN B 140 7.89 9.08 -10.83
C GLN B 140 8.49 9.34 -9.50
N GLY B 141 8.06 8.56 -8.51
CA GLY B 141 8.55 8.71 -7.15
C GLY B 141 10.06 8.57 -7.09
N ALA B 142 10.59 7.51 -7.69
CA ALA B 142 12.04 7.25 -7.58
C ALA B 142 12.87 8.33 -8.28
N ALA B 143 12.35 8.87 -9.39
CA ALA B 143 12.98 9.95 -10.10
C ALA B 143 12.99 11.23 -9.28
N ASN B 144 11.94 11.46 -8.50
CA ASN B 144 11.88 12.63 -7.59
C ASN B 144 12.95 12.48 -6.52
N GLY B 145 13.12 11.25 -6.05
CA GLY B 145 14.09 10.95 -4.99
C GLY B 145 15.47 11.32 -5.50
N ILE B 146 15.77 10.83 -6.70
CA ILE B 146 17.05 11.05 -7.30
C ILE B 146 17.25 12.51 -7.55
N ASN B 147 16.20 13.21 -7.98
CA ASN B 147 16.31 14.63 -8.21
C ASN B 147 16.69 15.38 -6.94
N PHE B 148 16.00 15.10 -5.84
CA PHE B 148 16.41 15.68 -4.57
C PHE B 148 17.90 15.46 -4.30
N LEU B 149 18.37 14.23 -4.46
CA LEU B 149 19.78 13.91 -4.18
C LEU B 149 20.77 14.73 -5.03
N HIS B 150 20.50 14.81 -6.33
CA HIS B 150 21.31 15.61 -7.25
C HIS B 150 21.19 17.15 -6.99
N GLU B 151 20.05 17.60 -6.44
CA GLU B 151 19.86 19.01 -6.08
C GLU B 151 20.79 19.38 -4.96
N ASN B 152 20.99 18.43 -4.06
CA ASN B 152 21.89 18.56 -2.92
C ASN B 152 23.26 17.91 -3.19
N HIS B 153 23.65 17.86 -4.45
CA HIS B 153 25.02 17.50 -4.81
C HIS B 153 25.48 16.14 -4.26
N HIS B 154 24.59 15.15 -4.26
CA HIS B 154 24.97 13.79 -3.96
C HIS B 154 24.81 12.87 -5.17
N ILE B 155 25.75 11.96 -5.32
CA ILE B 155 25.67 10.91 -6.30
C ILE B 155 25.40 9.67 -5.52
N HIS B 156 24.41 8.87 -5.94
CA HIS B 156 24.04 7.69 -5.16
C HIS B 156 25.02 6.54 -5.37
N ARG B 157 25.29 6.22 -6.64
CA ARG B 157 26.31 5.20 -7.01
C ARG B 157 25.87 3.73 -6.94
N ASP B 158 24.74 3.43 -6.34
CA ASP B 158 24.17 2.08 -6.37
C ASP B 158 22.64 2.13 -6.54
N ILE B 159 22.21 2.79 -7.60
CA ILE B 159 20.80 2.83 -7.95
C ILE B 159 20.41 1.49 -8.57
N LYS B 160 19.41 0.84 -8.00
CA LYS B 160 18.91 -0.43 -8.52
C LYS B 160 17.60 -0.80 -7.80
N SER B 161 16.86 -1.76 -8.32
CA SER B 161 15.51 -2.00 -7.76
C SER B 161 15.51 -2.57 -6.33
N ALA B 162 16.59 -3.20 -5.91
CA ALA B 162 16.76 -3.63 -4.54
C ALA B 162 16.93 -2.44 -3.60
N ASN B 163 17.32 -1.29 -4.14
CA ASN B 163 17.52 -0.08 -3.32
C ASN B 163 16.40 0.95 -3.47
N ILE B 164 15.29 0.53 -4.05
CA ILE B 164 14.09 1.34 -4.06
C ILE B 164 13.06 0.61 -3.21
N LEU B 165 12.80 1.12 -1.99
CA LEU B 165 11.84 0.48 -1.10
C LEU B 165 10.45 1.11 -1.27
N LEU B 166 9.43 0.45 -0.73
CA LEU B 166 8.03 0.76 -0.99
C LEU B 166 7.26 0.80 0.33
N ASP B 167 6.58 1.91 0.59
CA ASP B 167 5.89 2.05 1.88
C ASP B 167 4.46 1.48 1.83
N GLU B 168 3.68 1.78 2.87
CA GLU B 168 2.28 1.37 3.02
C GLU B 168 1.45 1.79 1.84
N ALA B 169 1.87 2.80 1.10
CA ALA B 169 1.13 3.30 -0.05
C ALA B 169 1.78 2.99 -1.38
N PHE B 170 2.80 2.14 -1.36
CA PHE B 170 3.62 1.86 -2.54
C PHE B 170 4.30 3.11 -3.12
N THR B 171 4.57 4.10 -2.26
CA THR B 171 5.41 5.25 -2.63
C THR B 171 6.86 4.81 -2.66
N ALA B 172 7.57 5.09 -3.74
CA ALA B 172 8.97 4.64 -3.83
C ALA B 172 9.89 5.45 -2.91
N LYS B 173 10.88 4.79 -2.34
CA LYS B 173 11.86 5.49 -1.53
C LYS B 173 13.27 4.90 -1.69
N ILE B 174 14.21 5.73 -2.10
CA ILE B 174 15.59 5.31 -2.27
C ILE B 174 16.25 5.05 -0.92
N SER B 175 17.02 3.97 -0.88
CA SER B 175 17.83 3.61 0.27
C SER B 175 19.28 3.38 -0.13
N ASP B 176 20.09 3.08 0.90
CA ASP B 176 21.44 2.63 0.76
C ASP B 176 22.37 3.74 0.20
N PHE B 177 22.80 4.62 1.08
CA PHE B 177 23.62 5.77 0.71
C PHE B 177 25.06 5.61 1.17
N GLY B 178 25.46 4.40 1.54
CA GLY B 178 26.81 4.16 2.05
C GLY B 178 27.94 4.48 1.09
N LEU B 179 27.71 4.24 -0.20
CA LEU B 179 28.71 4.52 -1.24
C LEU B 179 28.59 5.91 -1.82
N ALA B 180 27.65 6.72 -1.34
CA ALA B 180 27.42 8.03 -1.99
C ALA B 180 28.61 8.98 -1.87
N ARG B 181 28.62 9.99 -2.75
CA ARG B 181 29.68 10.99 -2.85
C ARG B 181 29.10 12.33 -3.16
N ALA B 182 29.86 13.37 -2.87
CA ALA B 182 29.50 14.72 -3.26
C ALA B 182 29.87 14.87 -4.74
N SER B 183 29.11 15.66 -5.49
CA SER B 183 29.43 15.96 -6.88
C SER B 183 30.26 17.25 -7.03
N VAL B 190 36.16 13.15 -12.37
CA VAL B 190 36.51 12.46 -11.12
C VAL B 190 36.62 10.92 -11.20
N MET B 191 37.72 10.39 -10.67
CA MET B 191 38.05 8.96 -10.74
C MET B 191 38.28 8.34 -9.36
N TPO B 192 38.14 7.01 -9.27
CA TPO B 192 38.52 6.25 -8.08
CB TPO B 192 37.36 5.93 -7.14
CG2 TPO B 192 36.28 5.03 -7.73
OG1 TPO B 192 37.88 5.23 -6.00
P TPO B 192 37.78 5.80 -4.49
O1P TPO B 192 36.34 5.58 -4.13
O2P TPO B 192 38.76 4.91 -3.76
O3P TPO B 192 38.15 7.27 -4.58
C TPO B 192 39.10 4.94 -8.53
O TPO B 192 38.80 4.42 -9.61
N SEP B 193 39.93 4.36 -7.66
CA SEP B 193 40.59 3.09 -7.94
CB SEP B 193 41.97 3.12 -7.28
OG SEP B 193 41.95 4.08 -6.21
C SEP B 193 39.78 1.91 -7.45
O SEP B 193 39.99 0.80 -7.92
P SEP B 193 42.60 3.82 -4.75
O1P SEP B 193 41.73 4.62 -3.81
O2P SEP B 193 44.01 4.34 -4.97
O3P SEP B 193 42.55 2.33 -4.50
N ARG B 194 38.86 2.16 -6.52
CA ARG B 194 38.02 1.11 -5.95
C ARG B 194 36.64 1.09 -6.63
N ILE B 195 36.51 0.28 -7.67
CA ILE B 195 35.29 0.21 -8.46
C ILE B 195 34.22 -0.59 -7.71
N VAL B 196 33.13 0.09 -7.34
CA VAL B 196 32.02 -0.54 -6.58
C VAL B 196 30.64 -0.31 -7.25
N GLY B 197 29.76 -1.29 -7.08
CA GLY B 197 28.41 -1.22 -7.60
C GLY B 197 27.96 -2.58 -8.08
N THR B 198 26.73 -2.65 -8.58
CA THR B 198 26.22 -3.90 -9.17
C THR B 198 26.36 -3.83 -10.67
N THR B 199 27.10 -4.76 -11.22
CA THR B 199 27.53 -4.69 -12.64
C THR B 199 26.39 -4.53 -13.64
N ALA B 200 25.31 -5.28 -13.41
CA ALA B 200 24.19 -5.32 -14.32
C ALA B 200 23.43 -3.99 -14.43
N TYR B 201 23.65 -3.11 -13.46
CA TYR B 201 23.04 -1.79 -13.44
C TYR B 201 24.00 -0.66 -13.79
N MET B 202 25.30 -0.92 -13.89
CA MET B 202 26.27 0.18 -13.93
C MET B 202 26.56 0.69 -15.32
N ALA B 203 26.76 2.01 -15.40
CA ALA B 203 27.15 2.65 -16.65
C ALA B 203 28.58 2.23 -16.96
N PRO B 204 28.97 2.27 -18.25
CA PRO B 204 30.32 1.86 -18.60
C PRO B 204 31.36 2.80 -18.01
N GLU B 205 31.06 4.08 -17.88
CA GLU B 205 32.05 4.96 -17.26
C GLU B 205 32.24 4.60 -15.78
N ALA B 206 31.18 4.16 -15.12
CA ALA B 206 31.30 3.76 -13.72
C ALA B 206 32.04 2.44 -13.58
N LEU B 207 31.91 1.58 -14.57
CA LEU B 207 32.69 0.34 -14.57
C LEU B 207 34.19 0.53 -14.77
N ARG B 208 34.59 1.66 -15.32
CA ARG B 208 35.99 2.06 -15.48
C ARG B 208 36.39 3.01 -14.36
N GLY B 209 35.55 3.18 -13.35
CA GLY B 209 35.92 3.94 -12.16
C GLY B 209 35.65 5.43 -12.16
N GLU B 210 34.94 5.97 -13.15
CA GLU B 210 34.57 7.37 -13.08
C GLU B 210 33.39 7.52 -12.14
N ILE B 211 33.29 8.72 -11.62
CA ILE B 211 32.26 9.05 -10.65
C ILE B 211 31.57 10.30 -11.12
N THR B 212 30.28 10.16 -11.45
CA THR B 212 29.50 11.26 -11.98
C THR B 212 28.01 10.97 -11.80
N PRO B 213 27.20 12.03 -11.55
CA PRO B 213 25.78 11.87 -11.37
C PRO B 213 25.13 11.24 -12.58
N LYS B 214 25.73 11.48 -13.75
CA LYS B 214 25.23 10.92 -14.99
C LYS B 214 25.08 9.40 -14.95
N SER B 215 25.88 8.74 -14.11
CA SER B 215 25.81 7.29 -13.99
C SER B 215 24.57 6.89 -13.22
N ASP B 216 24.08 7.74 -12.33
CA ASP B 216 22.82 7.43 -11.64
C ASP B 216 21.70 7.40 -12.66
N ILE B 217 21.78 8.25 -13.68
CA ILE B 217 20.73 8.31 -14.70
C ILE B 217 20.70 6.99 -15.50
N TYR B 218 21.87 6.49 -15.86
CA TYR B 218 21.99 5.24 -16.59
C TYR B 218 21.36 4.08 -15.79
N SER B 219 21.66 4.01 -14.49
CA SER B 219 21.19 2.90 -13.68
C SER B 219 19.68 2.99 -13.51
N PHE B 220 19.16 4.19 -13.31
CA PHE B 220 17.73 4.38 -13.30
C PHE B 220 17.07 3.92 -14.58
N GLY B 221 17.75 4.13 -15.71
CA GLY B 221 17.22 3.63 -16.95
C GLY B 221 17.03 2.14 -16.94
N VAL B 222 17.96 1.42 -16.33
CA VAL B 222 17.85 -0.02 -16.20
C VAL B 222 16.66 -0.35 -15.30
N VAL B 223 16.48 0.43 -14.24
CA VAL B 223 15.34 0.21 -13.33
C VAL B 223 14.04 0.37 -14.07
N LEU B 224 13.95 1.37 -14.95
CA LEU B 224 12.77 1.56 -15.78
C LEU B 224 12.46 0.37 -16.70
N LEU B 225 13.48 -0.23 -17.30
CA LEU B 225 13.26 -1.48 -18.05
C LEU B 225 12.75 -2.62 -17.17
N GLU B 226 13.25 -2.70 -15.92
CA GLU B 226 12.77 -3.69 -14.96
C GLU B 226 11.29 -3.46 -14.65
N ILE B 227 10.92 -2.21 -14.44
CA ILE B 227 9.51 -1.88 -14.20
C ILE B 227 8.63 -2.26 -15.40
N ILE B 228 9.06 -1.89 -16.59
CA ILE B 228 8.31 -2.17 -17.79
C ILE B 228 8.10 -3.67 -18.02
N THR B 229 9.18 -4.43 -17.82
CA THR B 229 9.25 -5.83 -18.23
C THR B 229 8.99 -6.85 -17.13
N GLY B 230 9.11 -6.47 -15.87
CA GLY B 230 9.11 -7.46 -14.79
C GLY B 230 10.36 -8.33 -14.71
N LEU B 231 11.36 -8.06 -15.52
CA LEU B 231 12.55 -8.92 -15.57
C LEU B 231 13.66 -8.31 -14.73
N PRO B 232 14.38 -9.16 -13.97
CA PRO B 232 15.58 -8.73 -13.26
C PRO B 232 16.69 -8.30 -14.21
N ALA B 233 17.50 -7.34 -13.78
CA ALA B 233 18.56 -6.81 -14.62
C ALA B 233 19.53 -7.88 -15.06
N VAL B 234 19.77 -8.84 -14.18
CA VAL B 234 20.55 -10.01 -14.54
C VAL B 234 19.86 -11.33 -14.13
N ASP B 235 19.99 -12.33 -15.00
CA ASP B 235 19.50 -13.66 -14.75
C ASP B 235 20.38 -14.67 -15.49
N GLU B 236 21.07 -15.52 -14.74
CA GLU B 236 22.06 -16.39 -15.35
C GLU B 236 21.39 -17.31 -16.35
N HIS B 237 20.24 -17.84 -15.94
CA HIS B 237 19.49 -18.81 -16.73
C HIS B 237 18.55 -18.19 -17.75
N ARG B 238 18.86 -16.99 -18.24
CA ARG B 238 18.05 -16.35 -19.26
C ARG B 238 18.90 -15.95 -20.45
N GLU B 239 18.34 -15.95 -21.65
CA GLU B 239 18.99 -15.33 -22.80
C GLU B 239 18.13 -14.18 -23.33
N PRO B 240 18.68 -12.98 -23.46
CA PRO B 240 20.00 -12.57 -22.93
C PRO B 240 19.99 -12.48 -21.41
N GLN B 241 21.18 -12.61 -20.80
CA GLN B 241 21.36 -12.58 -19.34
C GLN B 241 21.16 -11.21 -18.76
N LEU B 242 21.56 -10.21 -19.52
CA LEU B 242 21.52 -8.83 -19.09
C LEU B 242 20.35 -8.15 -19.75
N LEU B 243 19.51 -7.49 -18.96
CA LEU B 243 18.31 -6.80 -19.48
C LEU B 243 18.72 -5.66 -20.41
N LEU B 244 19.83 -5.00 -20.08
CA LEU B 244 20.54 -4.09 -20.97
C LEU B 244 20.51 -4.54 -22.42
N ASP B 245 20.83 -5.81 -22.68
CA ASP B 245 20.87 -6.32 -24.04
C ASP B 245 19.54 -6.18 -24.79
N ILE B 246 18.46 -5.82 -24.07
CA ILE B 246 17.14 -5.74 -24.66
C ILE B 246 17.01 -4.49 -25.49
N LYS B 247 17.59 -3.40 -25.00
CA LYS B 247 17.57 -2.14 -25.73
C LYS B 247 18.12 -2.30 -27.15
N GLU B 248 19.17 -3.12 -27.30
CA GLU B 248 19.80 -3.33 -28.60
C GLU B 248 18.96 -4.18 -29.51
N GLU B 249 18.33 -5.19 -28.94
CA GLU B 249 17.43 -6.04 -29.71
C GLU B 249 16.25 -5.21 -30.23
N ILE B 250 15.85 -4.18 -29.49
CA ILE B 250 14.80 -3.26 -29.93
C ILE B 250 15.31 -2.18 -30.89
N GLU B 251 16.54 -1.69 -30.69
CA GLU B 251 17.12 -0.69 -31.58
C GLU B 251 17.54 -1.26 -32.94
N ASP B 252 17.87 -2.55 -32.99
CA ASP B 252 18.08 -3.23 -34.27
C ASP B 252 16.86 -4.09 -34.50
N GLU B 253 15.74 -3.44 -34.84
CA GLU B 253 14.39 -4.04 -34.73
C GLU B 253 14.30 -5.54 -35.07
N GLU B 254 14.93 -6.31 -34.21
CA GLU B 254 14.70 -7.72 -34.06
C GLU B 254 13.48 -7.87 -33.14
N LYS B 255 13.15 -6.79 -32.42
CA LYS B 255 12.11 -6.79 -31.39
C LYS B 255 11.50 -5.40 -31.18
N THR B 256 10.43 -5.36 -30.42
CA THR B 256 9.72 -4.13 -30.05
C THR B 256 9.55 -4.10 -28.51
N ILE B 257 9.26 -2.95 -27.92
CA ILE B 257 9.10 -2.91 -26.45
C ILE B 257 7.87 -3.74 -26.00
N GLU B 258 6.83 -3.75 -26.82
CA GLU B 258 5.64 -4.59 -26.57
C GLU B 258 5.93 -6.09 -26.45
N ASP B 259 6.98 -6.57 -27.11
CA ASP B 259 7.33 -8.00 -27.03
C ASP B 259 7.91 -8.38 -25.68
N TYR B 260 8.26 -7.38 -24.86
CA TYR B 260 8.84 -7.62 -23.54
C TYR B 260 8.00 -7.08 -22.35
N ILE B 261 6.95 -6.31 -22.63
CA ILE B 261 6.05 -5.82 -21.57
C ILE B 261 5.73 -6.96 -20.64
N ASP B 262 5.72 -6.70 -19.34
CA ASP B 262 5.38 -7.73 -18.38
C ASP B 262 3.94 -8.17 -18.70
N LYS B 263 3.70 -9.46 -18.82
CA LYS B 263 2.35 -9.97 -19.02
C LYS B 263 1.51 -10.03 -17.75
N LYS B 264 2.15 -9.96 -16.59
CA LYS B 264 1.43 -9.97 -15.33
C LYS B 264 0.76 -8.63 -14.97
N MET B 265 0.31 -7.87 -15.98
CA MET B 265 -0.46 -6.63 -15.79
C MET B 265 -1.67 -6.67 -16.72
N ASN B 266 -2.78 -6.03 -16.33
CA ASN B 266 -3.93 -5.95 -17.20
C ASN B 266 -4.25 -4.53 -17.66
N ASP B 267 -3.53 -3.53 -17.15
CA ASP B 267 -3.87 -2.12 -17.30
C ASP B 267 -2.80 -1.27 -18.03
N ALA B 268 -1.82 -1.93 -18.65
CA ALA B 268 -0.83 -1.20 -19.45
C ALA B 268 -1.50 -0.70 -20.71
N ASP B 269 -1.08 0.48 -21.18
CA ASP B 269 -1.41 0.91 -22.55
C ASP B 269 -0.14 1.29 -23.31
N SER B 270 -0.19 1.11 -24.63
CA SER B 270 0.94 1.35 -25.50
C SER B 270 1.55 2.72 -25.40
N THR B 271 0.71 3.72 -25.22
CA THR B 271 1.20 5.09 -25.24
C THR B 271 2.03 5.42 -24.00
N SER B 272 1.53 5.10 -22.82
CA SER B 272 2.31 5.35 -21.62
C SER B 272 3.52 4.38 -21.55
N VAL B 273 3.39 3.16 -22.05
CA VAL B 273 4.49 2.24 -22.03
C VAL B 273 5.64 2.73 -22.93
N GLU B 274 5.30 3.27 -24.10
CA GLU B 274 6.31 3.68 -25.05
C GLU B 274 6.97 4.97 -24.58
N ALA B 275 6.20 5.83 -23.93
CA ALA B 275 6.74 7.02 -23.31
C ALA B 275 7.71 6.68 -22.16
N MET B 276 7.41 5.68 -21.32
CA MET B 276 8.38 5.26 -20.29
C MET B 276 9.60 4.62 -20.96
N TYR B 277 9.40 3.77 -21.96
CA TYR B 277 10.53 3.20 -22.69
C TYR B 277 11.40 4.29 -23.31
N SER B 278 10.78 5.31 -23.89
CA SER B 278 11.55 6.41 -24.46
C SER B 278 12.48 7.03 -23.42
N VAL B 279 11.97 7.25 -22.21
CA VAL B 279 12.82 7.77 -21.13
C VAL B 279 13.97 6.81 -20.82
N ALA B 280 13.64 5.53 -20.68
CA ALA B 280 14.65 4.51 -20.42
C ALA B 280 15.79 4.51 -21.46
N SER B 281 15.44 4.50 -22.76
CA SER B 281 16.46 4.53 -23.81
C SER B 281 17.31 5.83 -23.80
N GLN B 282 16.72 6.99 -23.51
CA GLN B 282 17.51 8.23 -23.34
C GLN B 282 18.51 8.12 -22.16
N CYS B 283 18.02 7.58 -21.03
CA CYS B 283 18.82 7.32 -19.84
C CYS B 283 20.00 6.39 -20.12
N LEU B 284 19.80 5.45 -21.02
CA LEU B 284 20.78 4.44 -21.34
C LEU B 284 21.64 4.77 -22.59
N HIS B 285 21.71 6.04 -23.02
CA HIS B 285 22.77 6.43 -23.95
C HIS B 285 24.09 5.93 -23.35
N GLU B 286 24.93 5.31 -24.15
CA GLU B 286 26.21 4.85 -23.63
C GLU B 286 27.21 5.98 -23.41
N LYS B 287 27.00 7.11 -24.08
CA LYS B 287 27.79 8.31 -23.84
C LYS B 287 27.09 9.20 -22.84
N LYS B 288 27.68 9.35 -21.66
CA LYS B 288 27.08 10.04 -20.51
C LYS B 288 26.52 11.42 -20.81
N ASN B 289 27.18 12.15 -21.70
CA ASN B 289 26.80 13.54 -21.97
C ASN B 289 25.55 13.69 -22.83
N LYS B 290 25.18 12.62 -23.54
CA LYS B 290 23.97 12.57 -24.33
C LYS B 290 22.73 12.24 -23.51
N ARG B 291 22.91 11.79 -22.26
CA ARG B 291 21.79 11.40 -21.43
C ARG B 291 21.11 12.60 -20.90
N PRO B 292 19.80 12.51 -20.66
CA PRO B 292 19.14 13.61 -19.99
C PRO B 292 19.61 13.70 -18.56
N ASP B 293 19.42 14.87 -17.95
CA ASP B 293 19.73 15.02 -16.56
C ASP B 293 18.46 14.66 -15.79
N ILE B 294 18.57 14.48 -14.48
CA ILE B 294 17.43 13.98 -13.71
C ILE B 294 16.22 14.91 -13.82
N LYS B 295 16.46 16.22 -13.81
CA LYS B 295 15.36 17.15 -13.92
C LYS B 295 14.55 16.88 -15.16
N LYS B 296 15.20 16.52 -16.27
CA LYS B 296 14.49 16.21 -17.51
C LYS B 296 13.76 14.87 -17.44
N VAL B 297 14.32 13.91 -16.70
CA VAL B 297 13.68 12.62 -16.51
C VAL B 297 12.40 12.78 -15.72
N GLN B 298 12.41 13.67 -14.73
CA GLN B 298 11.21 13.98 -13.96
C GLN B 298 10.11 14.50 -14.85
N GLN B 299 10.44 15.54 -15.60
CA GLN B 299 9.47 16.19 -16.49
C GLN B 299 8.84 15.18 -17.42
N LEU B 300 9.67 14.34 -18.02
CA LEU B 300 9.21 13.33 -18.95
C LEU B 300 8.30 12.25 -18.30
N LEU B 301 8.60 11.81 -17.08
CA LEU B 301 7.76 10.83 -16.41
C LEU B 301 6.43 11.46 -15.93
N GLN B 302 6.49 12.75 -15.60
CA GLN B 302 5.27 13.53 -15.35
C GLN B 302 4.38 13.72 -16.59
N GLU B 303 4.96 13.93 -17.77
CA GLU B 303 4.19 14.06 -19.02
C GLU B 303 3.53 12.74 -19.47
N MET B 304 4.29 11.66 -19.45
CA MET B 304 3.77 10.29 -19.62
C MET B 304 2.37 10.05 -19.05
N THR B 305 2.08 10.64 -17.89
CA THR B 305 0.74 10.60 -17.31
C THR B 305 0.09 11.96 -17.43
C1 T20 C . -19.76 -1.72 -6.00
C2 T20 C . -20.75 -1.13 -5.19
C3 T20 C . -21.32 -1.87 -4.12
C4 T20 C . -20.89 -3.18 -3.87
C5 T20 C . -19.95 -3.76 -4.64
C6 T20 C . -19.37 -3.00 -5.76
C7 T20 C . -19.25 -5.96 -7.25
C8 T20 C . -18.32 -4.83 -7.20
C9 T20 C . -17.08 -4.93 -7.88
C10 T20 C . -16.76 -6.13 -8.62
C11 T20 C . -17.66 -7.22 -8.66
C12 T20 C . -18.95 -7.11 -7.95
C13 T20 C . -13.94 0.82 -5.86
C14 T20 C . -13.58 2.02 -5.25
C15 T20 C . -14.58 2.80 -4.66
C16 T20 C . -15.86 2.35 -4.66
C17 T20 C . -16.23 1.13 -5.29
C18 T20 C . -15.25 0.39 -5.90
N19 T20 C . -18.33 -3.58 -6.60
C20 T20 C . -17.17 -2.89 -6.91
N21 T20 C . -16.39 -3.69 -7.66
C22 T20 C . -17.33 -8.50 -9.47
N23 T20 C . -16.88 -1.55 -6.36
C24 T20 C . -15.58 -0.95 -6.54
O25 T20 C . -14.70 -1.60 -7.20
N26 T20 C . -16.88 3.17 -4.03
O27 T20 C . -17.96 2.59 -3.55
O28 T20 C . -16.70 4.49 -3.91
C30 T20 C . -16.28 -10.52 -9.71
C31 T20 C . -15.30 -11.46 -9.16
C32 T20 C . -15.84 -12.24 -8.03
C33 T20 C . -16.50 -11.40 -7.05
C34 T20 C . -17.44 -10.40 -7.63
N35 T20 C . -16.80 -9.61 -8.70
C1 T20 D . 14.79 -5.93 3.85
C2 T20 D . 16.01 -6.26 3.22
C3 T20 D . 16.07 -6.48 1.81
C4 T20 D . 14.88 -6.41 1.05
C5 T20 D . 13.71 -6.10 1.66
C6 T20 D . 13.65 -5.86 3.11
C7 T20 D . 10.90 -7.62 3.30
C8 T20 D . 11.21 -6.29 3.74
C9 T20 D . 10.21 -5.51 4.36
C10 T20 D . 8.91 -6.04 4.55
C11 T20 D . 8.60 -7.32 4.12
C12 T20 D . 9.63 -8.11 3.47
C13 T20 D . 13.69 0.39 5.53
C14 T20 D . 14.81 1.27 5.47
C15 T20 D . 16.07 0.80 5.04
C16 T20 D . 16.18 -0.52 4.67
C17 T20 D . 15.07 -1.39 4.73
C18 T20 D . 13.85 -0.95 5.17
N19 T20 D . 12.36 -5.51 3.71
C20 T20 D . 12.06 -4.28 4.30
N21 T20 D . 10.78 -4.26 4.70
C22 T20 D . 7.17 -7.90 4.35
N23 T20 D . 13.04 -3.20 4.43
C24 T20 D . 12.74 -1.97 5.15
O25 T20 D . 11.60 -1.78 5.69
N26 T20 D . 17.41 -1.08 4.19
O27 T20 D . 17.46 -1.63 2.99
O28 T20 D . 18.48 -1.08 4.97
C30 T20 D . 4.96 -7.83 3.78
C31 T20 D . 3.81 -7.54 2.86
C32 T20 D . 3.97 -8.15 1.52
C33 T20 D . 5.26 -7.81 0.97
C34 T20 D . 6.40 -8.22 1.86
N35 T20 D . 6.30 -7.64 3.21
#